data_4IAQ
#
_entry.id   4IAQ
#
_cell.length_a   84.740
_cell.length_b   192.579
_cell.length_c   74.341
_cell.angle_alpha   90.00
_cell.angle_beta   90.00
_cell.angle_gamma   90.00
#
_symmetry.space_group_name_H-M   'C 2 2 2'
#
loop_
_entity.id
_entity.type
_entity.pdbx_description
1 polymer 'Chimera protein of human 5-hydroxytryptamine receptor 1B and E. Coli soluble cytochrome b562'
2 non-polymer Dihydroergotamine
3 water water
#
_entity_poly.entity_id   1
_entity_poly.type   'polypeptide(L)'
_entity_poly.pdbx_seq_one_letter_code
;GGTCSAKDYIYQDSISLPWKVLLVMLLALITLATTLSNAFVIATVYRTRKLHTPANYLIASLAVTDLLVSILVMPISTMY
TVTGRWTLGQVVCDFWLSSDITCCTASIWHLCVIALDRYWAITDAVEYSAKRTPKRAAVMIALVWVFSISISLPPFFWRQ
AKAEEEVSECVVNTDHILYTVYSTVGAFYFPTLLLIALYGRIYVEARSRIADLEDNWETLNDNLKVIEKADNAAQVKDAL
TKMRAAALDAQKATPPKLEDKSPDSPEMKDFRHGFDILVGQIDDALKLANEGKVKEAQAAAEQLKTTRNAYIQKYLLMAA
RERKATKTLGIILGAFIVCWLPFFIISLVMPICKDACWFHLAIFDFFTWLGYLNSLINPIIYTMSNEDFKQAFHKLIRFK
CTS
;
_entity_poly.pdbx_strand_id   A
#
loop_
_chem_comp.id
_chem_comp.type
_chem_comp.name
_chem_comp.formula
2GM non-polymer Dihydroergotamine 'C33 H37 N5 O5'
#
# COMPACT_ATOMS: atom_id res chain seq x y z
N TYR A 9 -17.37 35.48 -13.84
CA TYR A 9 -16.49 35.19 -14.98
C TYR A 9 -15.90 33.76 -14.89
N ILE A 10 -15.88 33.05 -16.04
CA ILE A 10 -15.33 31.72 -16.18
C ILE A 10 -14.05 31.81 -17.00
N TYR A 11 -12.91 31.37 -16.42
CA TYR A 11 -11.60 31.36 -17.09
C TYR A 11 -11.60 30.43 -18.35
N GLN A 12 -12.44 29.37 -18.34
CA GLN A 12 -12.60 28.38 -19.41
C GLN A 12 -13.16 29.00 -20.70
N ASP A 13 -13.98 30.07 -20.58
CA ASP A 13 -14.58 30.77 -21.73
C ASP A 13 -13.51 31.48 -22.58
N SER A 14 -12.28 31.67 -22.05
CA SER A 14 -11.17 32.29 -22.77
C SER A 14 -10.18 31.24 -23.36
N ILE A 15 -10.40 29.92 -23.10
CA ILE A 15 -9.57 28.82 -23.64
C ILE A 15 -9.96 28.55 -25.13
N SER A 16 -8.95 28.27 -26.00
CA SER A 16 -9.14 28.01 -27.43
C SER A 16 -9.73 26.60 -27.70
N LEU A 17 -10.38 26.42 -28.88
CA LEU A 17 -11.00 25.16 -29.29
C LEU A 17 -10.00 23.99 -29.22
N PRO A 18 -8.78 24.04 -29.85
CA PRO A 18 -7.86 22.89 -29.75
C PRO A 18 -7.50 22.50 -28.31
N TRP A 19 -7.31 23.49 -27.41
CA TRP A 19 -6.96 23.22 -26.00
C TRP A 19 -8.10 22.58 -25.23
N LYS A 20 -9.36 23.02 -25.48
CA LYS A 20 -10.56 22.47 -24.87
C LYS A 20 -10.78 21.02 -25.28
N VAL A 21 -10.57 20.69 -26.60
CA VAL A 21 -10.72 19.33 -27.18
C VAL A 21 -9.60 18.45 -26.64
N LEU A 22 -8.34 18.92 -26.70
CA LEU A 22 -7.16 18.24 -26.18
C LEU A 22 -7.35 17.87 -24.71
N LEU A 23 -7.98 18.77 -23.94
CA LEU A 23 -8.28 18.60 -22.52
C LEU A 23 -9.44 17.64 -22.31
N VAL A 24 -10.38 17.56 -23.26
CA VAL A 24 -11.51 16.63 -23.17
C VAL A 24 -10.98 15.21 -23.41
N MET A 25 -10.08 15.01 -24.40
CA MET A 25 -9.50 13.70 -24.69
C MET A 25 -8.64 13.22 -23.52
N LEU A 26 -7.74 14.10 -23.02
CA LEU A 26 -6.82 13.82 -21.90
C LEU A 26 -7.57 13.34 -20.65
N LEU A 27 -8.65 14.04 -20.27
CA LEU A 27 -9.49 13.75 -19.13
C LEU A 27 -10.30 12.46 -19.30
N ALA A 28 -10.83 12.20 -20.52
CA ALA A 28 -11.59 10.98 -20.82
C ALA A 28 -10.64 9.77 -20.81
N LEU A 29 -9.40 9.99 -21.29
CA LEU A 29 -8.34 8.98 -21.33
C LEU A 29 -7.95 8.55 -19.89
N ILE A 30 -7.81 9.51 -18.95
CA ILE A 30 -7.45 9.13 -17.58
C ILE A 30 -8.68 8.52 -16.85
N THR A 31 -9.92 8.88 -17.24
CA THR A 31 -11.16 8.36 -16.65
C THR A 31 -11.31 6.89 -17.04
N LEU A 32 -11.11 6.57 -18.34
CA LEU A 32 -11.21 5.22 -18.88
C LEU A 32 -10.10 4.35 -18.32
N ALA A 33 -8.86 4.88 -18.22
CA ALA A 33 -7.72 4.15 -17.68
C ALA A 33 -7.99 3.80 -16.23
N THR A 34 -8.65 4.70 -15.46
CA THR A 34 -9.06 4.47 -14.06
C THR A 34 -10.12 3.37 -13.99
N THR A 35 -11.08 3.37 -14.92
CA THR A 35 -12.14 2.37 -14.94
C THR A 35 -11.53 0.99 -15.23
N LEU A 36 -10.81 0.88 -16.36
CA LEU A 36 -10.18 -0.36 -16.79
C LEU A 36 -9.16 -0.87 -15.78
N SER A 37 -8.25 0.01 -15.29
CA SER A 37 -7.20 -0.39 -14.33
C SER A 37 -7.75 -0.92 -13.00
N ASN A 38 -8.85 -0.34 -12.49
CA ASN A 38 -9.46 -0.83 -11.26
C ASN A 38 -10.23 -2.13 -11.48
N ALA A 39 -11.00 -2.19 -12.61
CA ALA A 39 -11.80 -3.34 -13.06
C ALA A 39 -10.96 -4.63 -13.06
N PHE A 40 -9.70 -4.51 -13.54
CA PHE A 40 -8.68 -5.56 -13.61
C PHE A 40 -8.31 -6.07 -12.19
N VAL A 41 -7.96 -5.14 -11.27
CA VAL A 41 -7.58 -5.44 -9.89
C VAL A 41 -8.73 -6.20 -9.23
N ILE A 42 -9.99 -5.71 -9.40
CA ILE A 42 -11.20 -6.35 -8.84
C ILE A 42 -11.32 -7.75 -9.41
N ALA A 43 -11.25 -7.88 -10.76
CA ALA A 43 -11.33 -9.16 -11.47
C ALA A 43 -10.27 -10.14 -10.98
N THR A 44 -9.00 -9.70 -10.83
CA THR A 44 -7.86 -10.50 -10.42
C THR A 44 -8.09 -11.16 -9.04
N VAL A 45 -8.55 -10.39 -8.06
CA VAL A 45 -8.82 -10.91 -6.71
C VAL A 45 -9.98 -11.93 -6.81
N TYR A 46 -11.01 -11.59 -7.60
CA TYR A 46 -12.18 -12.43 -7.81
C TYR A 46 -11.81 -13.74 -8.52
N ARG A 47 -11.05 -13.65 -9.63
CA ARG A 47 -10.63 -14.79 -10.45
C ARG A 47 -9.62 -15.70 -9.72
N THR A 48 -8.54 -15.12 -9.14
CA THR A 48 -7.46 -15.87 -8.47
C THR A 48 -7.84 -16.38 -7.09
N ARG A 49 -7.62 -17.70 -6.90
CA ARG A 49 -7.88 -18.51 -5.71
C ARG A 49 -6.92 -18.15 -4.57
N LYS A 50 -5.61 -17.97 -4.90
CA LYS A 50 -4.52 -17.61 -4.00
C LYS A 50 -4.77 -16.25 -3.35
N LEU A 51 -5.43 -15.36 -4.11
CA LEU A 51 -5.72 -13.99 -3.70
C LEU A 51 -6.97 -13.88 -2.81
N HIS A 52 -7.57 -15.01 -2.41
CA HIS A 52 -8.73 -15.00 -1.53
C HIS A 52 -8.25 -14.93 -0.04
N THR A 53 -7.68 -13.76 0.32
CA THR A 53 -7.11 -13.37 1.61
C THR A 53 -7.80 -12.08 2.06
N PRO A 54 -8.06 -11.85 3.39
CA PRO A 54 -8.69 -10.57 3.81
C PRO A 54 -7.89 -9.34 3.36
N ALA A 55 -6.55 -9.47 3.26
CA ALA A 55 -5.63 -8.41 2.82
C ALA A 55 -5.93 -7.98 1.39
N ASN A 56 -6.11 -8.96 0.45
CA ASN A 56 -6.44 -8.72 -0.96
C ASN A 56 -7.89 -8.26 -1.12
N TYR A 57 -8.78 -8.56 -0.15
CA TYR A 57 -10.17 -8.10 -0.22
C TYR A 57 -10.22 -6.60 0.03
N LEU A 58 -9.23 -6.06 0.76
CA LEU A 58 -9.11 -4.62 1.03
C LEU A 58 -8.61 -3.92 -0.23
N ILE A 59 -7.68 -4.54 -0.97
CA ILE A 59 -7.15 -4.02 -2.24
C ILE A 59 -8.30 -3.93 -3.26
N ALA A 60 -9.12 -5.01 -3.33
CA ALA A 60 -10.28 -5.09 -4.21
C ALA A 60 -11.35 -4.03 -3.83
N SER A 61 -11.65 -3.85 -2.51
CA SER A 61 -12.64 -2.84 -2.07
C SER A 61 -12.12 -1.43 -2.35
N LEU A 62 -10.79 -1.22 -2.22
CA LEU A 62 -10.12 0.05 -2.54
C LEU A 62 -10.28 0.34 -4.03
N ALA A 63 -10.26 -0.74 -4.84
CA ALA A 63 -10.42 -0.68 -6.30
C ALA A 63 -11.90 -0.48 -6.68
N VAL A 64 -12.85 -0.85 -5.80
CA VAL A 64 -14.27 -0.69 -6.07
C VAL A 64 -14.61 0.79 -5.92
N THR A 65 -14.07 1.42 -4.85
CA THR A 65 -14.31 2.84 -4.58
C THR A 65 -13.72 3.66 -5.74
N ASP A 66 -12.48 3.34 -6.18
CA ASP A 66 -11.82 4.05 -7.28
C ASP A 66 -12.55 3.82 -8.63
N LEU A 67 -13.27 2.70 -8.78
CA LEU A 67 -14.07 2.40 -9.97
C LEU A 67 -15.36 3.21 -9.93
N LEU A 68 -15.87 3.45 -8.71
CA LEU A 68 -17.07 4.25 -8.49
C LEU A 68 -16.77 5.73 -8.73
N VAL A 69 -15.51 6.18 -8.51
CA VAL A 69 -15.08 7.57 -8.79
C VAL A 69 -15.04 7.76 -10.32
N SER A 70 -14.51 6.74 -11.04
CA SER A 70 -14.37 6.77 -12.48
C SER A 70 -15.72 6.67 -13.20
N ILE A 71 -16.76 6.11 -12.55
CA ILE A 71 -18.08 5.99 -13.16
C ILE A 71 -19.00 7.17 -12.78
N LEU A 72 -19.20 7.39 -11.47
CA LEU A 72 -20.13 8.36 -10.86
C LEU A 72 -19.64 9.81 -10.77
N VAL A 73 -18.31 10.05 -10.78
CA VAL A 73 -17.80 11.40 -10.54
C VAL A 73 -16.97 11.99 -11.70
N MET A 74 -15.93 11.27 -12.18
CA MET A 74 -14.98 11.76 -13.19
C MET A 74 -15.58 12.08 -14.58
N PRO A 75 -16.46 11.26 -15.22
CA PRO A 75 -16.89 11.63 -16.59
C PRO A 75 -17.66 12.93 -16.63
N ILE A 76 -18.55 13.11 -15.66
CA ILE A 76 -19.44 14.28 -15.48
C ILE A 76 -18.59 15.49 -15.03
N SER A 77 -17.39 15.24 -14.50
CA SER A 77 -16.45 16.26 -14.05
C SER A 77 -15.61 16.81 -15.21
N THR A 78 -15.43 16.03 -16.29
CA THR A 78 -14.66 16.50 -17.46
C THR A 78 -15.46 17.60 -18.16
N MET A 79 -16.79 17.37 -18.26
CA MET A 79 -17.78 18.26 -18.84
C MET A 79 -17.75 19.61 -18.13
N TYR A 80 -17.74 19.59 -16.79
CA TYR A 80 -17.76 20.78 -15.94
C TYR A 80 -16.39 21.51 -15.91
N THR A 81 -15.27 20.78 -15.83
CA THR A 81 -13.91 21.33 -15.80
C THR A 81 -13.56 22.08 -17.10
N VAL A 82 -13.97 21.53 -18.26
CA VAL A 82 -13.64 22.10 -19.58
C VAL A 82 -14.57 23.26 -19.92
N THR A 83 -15.88 23.13 -19.68
CA THR A 83 -16.83 24.19 -20.04
C THR A 83 -16.86 25.27 -18.97
N GLY A 84 -16.82 24.86 -17.70
CA GLY A 84 -16.89 25.75 -16.55
C GLY A 84 -18.30 26.04 -16.11
N ARG A 85 -19.30 25.38 -16.73
CA ARG A 85 -20.71 25.62 -16.44
C ARG A 85 -21.46 24.31 -16.23
N TRP A 86 -22.28 24.26 -15.18
CA TRP A 86 -23.10 23.10 -14.84
C TRP A 86 -24.35 23.13 -15.70
N THR A 87 -24.64 22.02 -16.36
CA THR A 87 -25.78 21.98 -17.28
C THR A 87 -26.65 20.72 -17.10
N LEU A 88 -26.63 20.09 -15.90
CA LEU A 88 -27.39 18.86 -15.65
C LEU A 88 -28.46 18.97 -14.52
N GLY A 89 -28.80 20.18 -14.11
CA GLY A 89 -29.83 20.41 -13.10
C GLY A 89 -29.40 20.20 -11.67
N GLN A 90 -30.28 20.57 -10.73
CA GLN A 90 -30.01 20.50 -9.30
C GLN A 90 -29.98 19.05 -8.76
N VAL A 91 -30.93 18.18 -9.18
CA VAL A 91 -31.00 16.78 -8.70
C VAL A 91 -29.68 16.01 -8.98
N VAL A 92 -29.12 16.14 -10.21
CA VAL A 92 -27.88 15.48 -10.63
C VAL A 92 -26.69 16.16 -9.92
N CYS A 93 -26.76 17.50 -9.68
CA CYS A 93 -25.72 18.27 -8.98
C CYS A 93 -25.53 17.75 -7.54
N ASP A 94 -26.64 17.57 -6.80
CA ASP A 94 -26.65 17.10 -5.42
C ASP A 94 -26.15 15.66 -5.30
N PHE A 95 -26.57 14.78 -6.22
CA PHE A 95 -26.14 13.38 -6.21
C PHE A 95 -24.66 13.27 -6.55
N TRP A 96 -24.18 14.08 -7.54
CA TRP A 96 -22.78 14.10 -7.98
C TRP A 96 -21.84 14.65 -6.89
N LEU A 97 -22.22 15.76 -6.21
CA LEU A 97 -21.40 16.34 -5.16
C LEU A 97 -21.23 15.39 -3.98
N SER A 98 -22.34 14.72 -3.58
CA SER A 98 -22.36 13.78 -2.48
C SER A 98 -21.57 12.54 -2.83
N SER A 99 -21.80 11.96 -4.04
CA SER A 99 -21.09 10.79 -4.53
C SER A 99 -19.60 11.10 -4.67
N ASP A 100 -19.21 12.37 -4.92
CA ASP A 100 -17.80 12.78 -4.97
C ASP A 100 -17.19 12.65 -3.58
N ILE A 101 -17.81 13.31 -2.59
CA ILE A 101 -17.34 13.33 -1.21
C ILE A 101 -17.25 11.90 -0.64
N THR A 102 -18.31 11.07 -0.75
CA THR A 102 -18.30 9.73 -0.16
C THR A 102 -17.19 8.84 -0.73
N CYS A 103 -17.12 8.70 -2.05
CA CYS A 103 -16.17 7.85 -2.76
C CYS A 103 -14.72 8.26 -2.52
N CYS A 104 -14.41 9.56 -2.58
CA CYS A 104 -13.04 10.03 -2.40
C CYS A 104 -12.59 9.87 -0.97
N THR A 105 -13.51 10.05 0.03
CA THR A 105 -13.21 9.85 1.47
C THR A 105 -12.99 8.35 1.78
N ALA A 106 -13.84 7.46 1.19
CA ALA A 106 -13.79 6.01 1.32
C ALA A 106 -12.49 5.49 0.74
N SER A 107 -12.04 6.02 -0.43
CA SER A 107 -10.76 5.63 -1.04
C SER A 107 -9.60 5.92 -0.08
N ILE A 108 -9.62 7.12 0.56
CA ILE A 108 -8.63 7.56 1.53
C ILE A 108 -8.73 6.68 2.78
N TRP A 109 -9.95 6.45 3.31
CA TRP A 109 -10.12 5.63 4.51
C TRP A 109 -9.79 4.15 4.30
N HIS A 110 -9.89 3.64 3.04
CA HIS A 110 -9.51 2.25 2.69
C HIS A 110 -8.02 2.07 2.89
N LEU A 111 -7.24 3.12 2.54
CA LEU A 111 -5.79 3.20 2.70
C LEU A 111 -5.40 2.94 4.15
N CYS A 112 -6.08 3.60 5.12
CA CYS A 112 -5.84 3.45 6.56
C CYS A 112 -6.20 2.06 7.02
N VAL A 113 -7.27 1.46 6.46
CA VAL A 113 -7.69 0.10 6.81
C VAL A 113 -6.63 -0.89 6.28
N ILE A 114 -6.09 -0.64 5.08
CA ILE A 114 -5.02 -1.43 4.47
C ILE A 114 -3.72 -1.25 5.29
N ALA A 115 -3.49 -0.04 5.82
CA ALA A 115 -2.31 0.27 6.61
C ALA A 115 -2.43 -0.20 8.09
N LEU A 116 -3.67 -0.30 8.64
CA LEU A 116 -3.88 -0.84 10.01
C LEU A 116 -3.68 -2.33 9.98
N ASP A 117 -4.17 -2.98 8.92
CA ASP A 117 -4.03 -4.40 8.65
C ASP A 117 -2.55 -4.76 8.51
N ARG A 118 -1.77 -3.94 7.79
CA ARG A 118 -0.34 -4.15 7.62
C ARG A 118 0.39 -3.98 8.96
N TYR A 119 0.03 -2.90 9.70
CA TYR A 119 0.57 -2.54 11.02
C TYR A 119 0.37 -3.68 12.00
N TRP A 120 -0.87 -4.22 12.11
CA TRP A 120 -1.18 -5.32 13.04
C TRP A 120 -0.46 -6.63 12.66
N ALA A 121 -0.22 -6.85 11.35
CA ALA A 121 0.49 -8.02 10.84
C ALA A 121 1.99 -7.95 11.16
N ILE A 122 2.62 -6.78 10.99
CA ILE A 122 4.05 -6.59 11.24
C ILE A 122 4.29 -6.39 12.75
N THR A 123 3.26 -5.97 13.51
CA THR A 123 3.39 -5.70 14.95
C THR A 123 2.96 -6.91 15.82
N ASP A 124 2.03 -7.78 15.32
CA ASP A 124 1.53 -8.92 16.10
C ASP A 124 1.16 -10.11 15.21
N ALA A 125 2.07 -10.51 14.29
CA ALA A 125 1.93 -11.61 13.32
C ALA A 125 1.31 -12.89 13.93
N VAL A 126 1.75 -13.27 15.14
CA VAL A 126 1.30 -14.48 15.85
C VAL A 126 -0.18 -14.37 16.30
N GLU A 127 -0.53 -13.34 17.10
CA GLU A 127 -1.88 -13.16 17.64
C GLU A 127 -2.89 -12.68 16.59
N TYR A 128 -2.50 -11.71 15.72
CA TYR A 128 -3.35 -11.08 14.69
C TYR A 128 -3.88 -12.07 13.65
N SER A 129 -3.13 -13.13 13.32
CA SER A 129 -3.50 -14.16 12.33
C SER A 129 -4.93 -14.69 12.54
N ALA A 130 -5.29 -15.05 13.80
CA ALA A 130 -6.60 -15.59 14.21
C ALA A 130 -7.72 -14.55 14.11
N LYS A 131 -7.38 -13.26 14.31
CA LYS A 131 -8.30 -12.12 14.29
C LYS A 131 -8.59 -11.64 12.86
N ARG A 132 -7.56 -11.66 11.97
CA ARG A 132 -7.58 -11.22 10.57
C ARG A 132 -8.47 -12.14 9.70
N THR A 133 -9.79 -12.12 9.96
CA THR A 133 -10.77 -12.93 9.26
C THR A 133 -11.43 -12.10 8.14
N PRO A 134 -11.98 -12.72 7.06
CA PRO A 134 -12.65 -11.90 6.03
C PRO A 134 -13.91 -11.21 6.58
N LYS A 135 -14.55 -11.78 7.64
CA LYS A 135 -15.72 -11.23 8.34
C LYS A 135 -15.37 -9.91 9.03
N ARG A 136 -14.12 -9.78 9.54
CA ARG A 136 -13.61 -8.56 10.20
C ARG A 136 -13.48 -7.42 9.16
N ALA A 137 -12.88 -7.73 7.99
CA ALA A 137 -12.69 -6.80 6.87
C ALA A 137 -14.04 -6.25 6.37
N ALA A 138 -15.09 -7.12 6.31
CA ALA A 138 -16.45 -6.76 5.89
C ALA A 138 -17.00 -5.61 6.74
N VAL A 139 -16.75 -5.65 8.06
CA VAL A 139 -17.19 -4.63 9.03
C VAL A 139 -16.38 -3.35 8.84
N MET A 140 -15.05 -3.48 8.63
CA MET A 140 -14.14 -2.35 8.43
C MET A 140 -14.47 -1.58 7.16
N ILE A 141 -14.87 -2.31 6.09
CA ILE A 141 -15.28 -1.72 4.79
C ILE A 141 -16.64 -1.03 4.97
N ALA A 142 -17.59 -1.71 5.64
CA ALA A 142 -18.93 -1.18 5.92
C ALA A 142 -18.83 0.08 6.79
N LEU A 143 -17.95 0.08 7.82
CA LEU A 143 -17.69 1.21 8.72
C LEU A 143 -17.16 2.42 7.93
N VAL A 144 -16.24 2.15 6.95
CA VAL A 144 -15.64 3.15 6.06
C VAL A 144 -16.73 3.75 5.16
N TRP A 145 -17.62 2.90 4.60
CA TRP A 145 -18.71 3.40 3.77
C TRP A 145 -19.72 4.20 4.58
N VAL A 146 -20.00 3.76 5.83
CA VAL A 146 -20.92 4.41 6.76
C VAL A 146 -20.36 5.79 7.12
N PHE A 147 -19.06 5.87 7.48
CA PHE A 147 -18.42 7.14 7.82
C PHE A 147 -18.37 8.10 6.62
N SER A 148 -18.14 7.57 5.41
CA SER A 148 -18.02 8.39 4.20
C SER A 148 -19.37 8.97 3.79
N ILE A 149 -20.45 8.15 3.76
CA ILE A 149 -21.79 8.63 3.41
C ILE A 149 -22.23 9.69 4.43
N SER A 150 -21.87 9.51 5.71
CA SER A 150 -22.21 10.42 6.80
C SER A 150 -21.46 11.77 6.72
N ILE A 151 -20.56 11.94 5.73
CA ILE A 151 -19.83 13.21 5.57
C ILE A 151 -20.58 14.09 4.57
N SER A 152 -20.98 13.56 3.42
CA SER A 152 -21.68 14.32 2.41
C SER A 152 -23.13 14.64 2.79
N LEU A 153 -23.72 13.90 3.74
CA LEU A 153 -25.11 14.06 4.14
C LEU A 153 -25.40 15.36 4.93
N PRO A 154 -24.66 15.75 6.01
CA PRO A 154 -24.98 17.03 6.70
C PRO A 154 -25.09 18.25 5.77
N PRO A 155 -24.18 18.53 4.77
CA PRO A 155 -24.39 19.72 3.91
C PRO A 155 -25.58 19.59 2.96
N PHE A 156 -26.76 19.43 3.57
CA PHE A 156 -28.05 19.35 2.89
C PHE A 156 -28.92 20.44 3.50
N PHE A 157 -28.27 21.47 4.13
CA PHE A 157 -28.92 22.62 4.74
C PHE A 157 -29.44 23.60 3.66
N TRP A 158 -29.29 23.25 2.34
CA TRP A 158 -29.67 24.08 1.20
C TRP A 158 -31.20 24.35 1.12
N ARG A 159 -31.68 25.26 1.99
CA ARG A 159 -33.07 25.69 2.00
C ARG A 159 -33.21 26.81 0.97
N GLN A 160 -32.93 26.46 -0.31
CA GLN A 160 -32.93 27.39 -1.44
C GLN A 160 -33.55 26.76 -2.71
N ALA A 161 -33.12 25.53 -3.08
CA ALA A 161 -33.61 24.85 -4.27
C ALA A 161 -34.47 23.64 -3.92
N SER A 168 -26.56 26.26 -13.25
CA SER A 168 -25.47 27.13 -13.73
C SER A 168 -24.12 26.74 -13.09
N GLU A 169 -24.08 26.68 -11.74
CA GLU A 169 -22.90 26.34 -10.96
C GLU A 169 -23.21 25.23 -9.98
N CYS A 170 -22.27 24.29 -9.82
CA CYS A 170 -22.41 23.19 -8.89
C CYS A 170 -21.18 23.14 -7.97
N VAL A 171 -21.35 23.60 -6.71
CA VAL A 171 -20.29 23.63 -5.68
C VAL A 171 -20.85 23.18 -4.33
N VAL A 172 -19.98 22.63 -3.45
CA VAL A 172 -20.33 22.18 -2.09
C VAL A 172 -20.58 23.42 -1.21
N ASN A 173 -21.59 23.32 -0.33
CA ASN A 173 -21.99 24.37 0.61
C ASN A 173 -20.85 24.69 1.61
N THR A 174 -20.43 25.96 1.63
CA THR A 174 -19.34 26.45 2.47
C THR A 174 -19.87 27.36 3.64
N ASP A 175 -21.21 27.54 3.72
CA ASP A 175 -21.95 28.36 4.69
C ASP A 175 -21.49 28.20 6.13
N HIS A 176 -21.38 26.95 6.62
CA HIS A 176 -21.00 26.66 8.00
C HIS A 176 -19.53 26.19 8.07
N ILE A 177 -18.65 27.15 8.43
CA ILE A 177 -17.20 27.02 8.59
C ILE A 177 -16.81 25.78 9.38
N LEU A 178 -17.50 25.50 10.52
CA LEU A 178 -17.24 24.37 11.40
C LEU A 178 -17.42 23.03 10.67
N TYR A 179 -18.38 22.92 9.73
CA TYR A 179 -18.51 21.66 9.00
C TYR A 179 -17.40 21.55 7.93
N THR A 180 -17.11 22.66 7.19
CA THR A 180 -16.05 22.70 6.17
C THR A 180 -14.74 22.09 6.75
N VAL A 181 -14.31 22.55 7.95
CA VAL A 181 -13.10 22.09 8.64
C VAL A 181 -13.31 20.65 9.19
N TYR A 182 -14.47 20.32 9.82
CA TYR A 182 -14.72 18.95 10.28
C TYR A 182 -14.64 17.96 9.09
N SER A 183 -15.27 18.28 7.95
CA SER A 183 -15.24 17.42 6.76
C SER A 183 -13.80 17.25 6.23
N THR A 184 -12.96 18.28 6.38
CA THR A 184 -11.57 18.31 5.93
C THR A 184 -10.71 17.43 6.87
N VAL A 185 -11.10 17.34 8.16
CA VAL A 185 -10.42 16.56 9.19
C VAL A 185 -10.76 15.07 9.07
N GLY A 186 -12.06 14.74 9.05
CA GLY A 186 -12.55 13.38 8.94
C GLY A 186 -12.14 12.68 7.65
N ALA A 187 -12.03 13.43 6.56
CA ALA A 187 -11.66 12.90 5.25
C ALA A 187 -10.16 12.93 4.94
N PHE A 188 -9.36 13.81 5.57
CA PHE A 188 -7.94 13.87 5.22
C PHE A 188 -6.99 13.92 6.40
N TYR A 189 -6.97 15.06 7.12
CA TYR A 189 -6.04 15.32 8.22
C TYR A 189 -6.06 14.24 9.29
N PHE A 190 -7.24 13.65 9.62
CA PHE A 190 -7.26 12.55 10.61
C PHE A 190 -6.61 11.33 9.93
N PRO A 191 -7.10 10.85 8.73
CA PRO A 191 -6.41 9.75 8.06
C PRO A 191 -4.90 9.95 7.87
N THR A 192 -4.38 11.11 7.40
CA THR A 192 -2.91 11.24 7.17
C THR A 192 -2.10 11.23 8.46
N LEU A 193 -2.60 11.81 9.56
CA LEU A 193 -1.87 11.82 10.84
C LEU A 193 -1.81 10.39 11.42
N LEU A 194 -2.83 9.59 11.06
CA LEU A 194 -2.96 8.19 11.46
C LEU A 194 -1.90 7.38 10.76
N LEU A 195 -1.74 7.61 9.44
CA LEU A 195 -0.80 6.95 8.54
C LEU A 195 0.63 7.28 8.89
N ILE A 196 0.92 8.53 9.33
CA ILE A 196 2.27 8.89 9.78
C ILE A 196 2.61 7.95 10.93
N ALA A 197 1.74 7.93 11.98
CA ALA A 197 1.86 7.10 13.18
C ALA A 197 1.90 5.59 12.85
N LEU A 198 1.07 5.15 11.87
CA LEU A 198 0.96 3.76 11.46
C LEU A 198 2.17 3.31 10.65
N TYR A 199 2.46 4.01 9.52
CA TYR A 199 3.57 3.70 8.62
C TYR A 199 4.93 3.92 9.28
N GLY A 200 5.02 4.90 10.17
CA GLY A 200 6.25 5.17 10.89
C GLY A 200 6.73 3.94 11.62
N ARG A 201 5.79 3.26 12.32
CA ARG A 201 6.00 2.01 13.05
C ARG A 201 6.41 0.90 12.10
N ILE A 202 5.70 0.77 10.96
CA ILE A 202 5.93 -0.20 9.88
C ILE A 202 7.36 -0.01 9.31
N TYR A 203 7.78 1.24 9.05
CA TYR A 203 9.12 1.57 8.54
C TYR A 203 10.22 1.25 9.56
N VAL A 204 9.93 1.40 10.86
CA VAL A 204 10.87 1.10 11.97
C VAL A 204 11.02 -0.43 12.07
N GLU A 205 9.92 -1.17 11.92
CA GLU A 205 9.91 -2.63 11.94
C GLU A 205 10.59 -3.24 10.71
N ALA A 206 10.37 -2.66 9.51
CA ALA A 206 10.96 -3.13 8.23
C ALA A 206 12.47 -2.86 8.14
N ARG A 207 12.96 -1.76 8.74
CA ARG A 207 14.37 -1.37 8.70
C ARG A 207 15.18 -2.02 9.82
N SER A 208 14.63 -2.06 11.04
CA SER A 208 15.38 -2.65 12.15
C SER A 208 15.25 -4.19 12.23
N ARG A 209 14.24 -4.80 11.58
CA ARG A 209 14.05 -6.24 11.72
C ARG A 209 13.98 -6.99 10.40
N ILE A 210 13.18 -6.51 9.43
CA ILE A 210 13.05 -7.20 8.14
C ILE A 210 14.31 -7.00 7.25
N ALA A 211 15.33 -6.31 7.77
CA ALA A 211 16.60 -6.03 7.10
C ALA A 211 17.78 -6.60 7.89
N ASP A 212 17.57 -6.82 9.19
CA ASP A 212 18.56 -7.40 10.08
C ASP A 212 18.64 -8.91 9.82
N LEU A 213 17.49 -9.55 9.51
CA LEU A 213 17.44 -10.97 9.15
C LEU A 213 18.05 -11.16 7.77
N GLU A 214 17.65 -10.31 6.81
CA GLU A 214 18.10 -10.34 5.43
C GLU A 214 19.58 -9.97 5.26
N ASP A 215 20.09 -8.94 5.97
CA ASP A 215 21.50 -8.52 5.86
C ASP A 215 22.43 -9.56 6.46
N ASN A 216 22.09 -10.08 7.64
CA ASN A 216 22.93 -11.06 8.31
C ASN A 216 22.88 -12.42 7.62
N TRP A 217 21.90 -12.64 6.72
CA TRP A 217 21.81 -13.85 5.93
C TRP A 217 22.66 -13.74 4.66
N GLU A 218 22.73 -12.51 4.08
CA GLU A 218 23.56 -12.22 2.91
C GLU A 218 24.99 -12.54 3.28
N THR A 219 25.48 -11.96 4.41
CA THR A 219 26.81 -12.14 5.01
C THR A 219 27.08 -13.64 5.25
N LEU A 220 26.07 -14.42 5.65
CA LEU A 220 26.18 -15.86 5.90
C LEU A 220 26.37 -16.64 4.61
N ASN A 221 25.61 -16.27 3.56
CA ASN A 221 25.68 -16.93 2.25
C ASN A 221 26.95 -16.54 1.50
N ASP A 222 27.43 -15.28 1.67
CA ASP A 222 28.65 -14.75 1.04
C ASP A 222 29.88 -15.53 1.48
N ASN A 223 29.94 -15.91 2.78
CA ASN A 223 31.03 -16.68 3.38
C ASN A 223 30.93 -18.17 3.04
N LEU A 224 29.70 -18.66 2.76
CA LEU A 224 29.47 -20.05 2.33
C LEU A 224 29.98 -20.24 0.90
N LYS A 225 29.84 -19.17 0.07
CA LYS A 225 30.29 -19.10 -1.33
C LYS A 225 31.82 -19.09 -1.45
N VAL A 226 32.52 -18.74 -0.35
CA VAL A 226 33.99 -18.67 -0.26
C VAL A 226 34.57 -20.10 -0.38
N ILE A 227 33.99 -21.06 0.38
CA ILE A 227 34.39 -22.47 0.39
C ILE A 227 34.11 -23.11 -0.98
N ASN A 232 42.47 -21.10 0.41
CA ASN A 232 43.38 -21.45 1.50
C ASN A 232 42.60 -21.72 2.79
N ALA A 233 43.00 -22.78 3.54
CA ALA A 233 42.36 -23.25 4.79
C ALA A 233 42.35 -22.19 5.89
N ALA A 234 43.36 -21.30 5.91
CA ALA A 234 43.47 -20.20 6.87
C ALA A 234 42.34 -19.19 6.66
N GLN A 235 42.06 -18.84 5.38
CA GLN A 235 41.02 -17.90 4.95
C GLN A 235 39.62 -18.49 5.17
N VAL A 236 39.49 -19.84 5.21
CA VAL A 236 38.23 -20.55 5.45
C VAL A 236 37.83 -20.35 6.92
N LYS A 237 38.81 -20.45 7.85
CA LYS A 237 38.63 -20.26 9.30
C LYS A 237 38.12 -18.85 9.63
N ASP A 238 38.60 -17.81 8.90
CA ASP A 238 38.19 -16.42 9.06
C ASP A 238 36.79 -16.20 8.49
N ALA A 239 36.40 -16.99 7.47
CA ALA A 239 35.07 -16.93 6.85
C ALA A 239 34.04 -17.67 7.71
N LEU A 240 34.42 -18.84 8.28
CA LEU A 240 33.59 -19.68 9.14
C LEU A 240 33.22 -18.96 10.45
N THR A 241 34.15 -18.14 11.00
CA THR A 241 33.91 -17.37 12.24
C THR A 241 33.16 -16.08 11.92
N LYS A 242 33.13 -15.67 10.64
CA LYS A 242 32.38 -14.51 10.19
C LYS A 242 30.90 -14.91 10.01
N MET A 243 30.67 -16.18 9.57
CA MET A 243 29.34 -16.77 9.38
C MET A 243 28.68 -16.99 10.75
N ARG A 244 29.46 -17.42 11.78
CA ARG A 244 28.99 -17.65 13.16
C ARG A 244 28.43 -16.36 13.78
N ALA A 245 29.14 -15.24 13.61
CA ALA A 245 28.77 -13.92 14.11
C ALA A 245 27.49 -13.40 13.48
N ALA A 246 27.34 -13.61 12.15
CA ALA A 246 26.17 -13.18 11.40
C ALA A 246 24.93 -13.97 11.83
N ALA A 247 25.10 -15.29 12.13
CA ALA A 247 24.04 -16.19 12.58
C ALA A 247 23.46 -15.77 13.93
N LEU A 248 24.31 -15.28 14.85
CA LEU A 248 23.92 -14.81 16.19
C LEU A 248 23.21 -13.46 16.12
N ASP A 249 23.62 -12.59 15.18
CA ASP A 249 23.01 -11.28 14.95
C ASP A 249 21.70 -11.45 14.16
N ALA A 250 21.58 -12.53 13.34
CA ALA A 250 20.37 -12.85 12.57
C ALA A 250 19.32 -13.52 13.48
N GLN A 251 19.80 -14.25 14.52
CA GLN A 251 18.99 -14.95 15.52
C GLN A 251 18.19 -13.96 16.37
N LYS A 252 18.77 -12.78 16.65
CA LYS A 252 18.14 -11.78 17.51
C LYS A 252 17.00 -10.99 16.79
N ALA A 253 16.63 -11.36 15.53
CA ALA A 253 15.53 -10.73 14.77
C ALA A 253 14.15 -11.11 15.35
N THR A 254 13.83 -12.42 15.39
CA THR A 254 12.59 -13.05 15.90
C THR A 254 11.33 -12.37 15.34
N PRO A 263 5.78 -11.77 28.08
CA PRO A 263 6.15 -11.98 26.67
C PRO A 263 6.89 -13.32 26.48
N ASP A 264 6.12 -14.43 26.46
CA ASP A 264 6.61 -15.81 26.27
C ASP A 264 7.31 -16.00 24.91
N SER A 265 7.96 -17.18 24.71
CA SER A 265 8.68 -17.45 23.46
C SER A 265 8.14 -18.68 22.62
N PRO A 266 6.82 -18.92 22.42
CA PRO A 266 6.42 -20.03 21.53
C PRO A 266 6.36 -19.57 20.08
N GLU A 267 6.69 -20.48 19.12
CA GLU A 267 6.73 -20.24 17.66
C GLU A 267 8.05 -19.55 17.26
N MET A 268 8.50 -18.54 18.04
CA MET A 268 9.76 -17.83 17.79
C MET A 268 10.93 -18.69 18.23
N LYS A 269 10.69 -19.70 19.08
CA LYS A 269 11.70 -20.68 19.53
C LYS A 269 12.16 -21.54 18.33
N ASP A 270 11.26 -21.74 17.34
CA ASP A 270 11.52 -22.48 16.10
C ASP A 270 12.45 -21.67 15.17
N PHE A 271 12.26 -20.33 15.08
CA PHE A 271 13.15 -19.43 14.30
C PHE A 271 14.55 -19.44 14.95
N ARG A 272 14.58 -19.23 16.29
CA ARG A 272 15.74 -19.22 17.18
C ARG A 272 16.51 -20.55 17.16
N HIS A 273 15.80 -21.69 16.99
CA HIS A 273 16.41 -23.02 16.97
C HIS A 273 17.27 -23.22 15.73
N GLY A 274 16.73 -22.92 14.56
CA GLY A 274 17.45 -23.06 13.28
C GLY A 274 18.83 -22.44 13.29
N PHE A 275 18.93 -21.21 13.82
CA PHE A 275 20.20 -20.49 13.94
C PHE A 275 21.10 -21.15 14.97
N ASP A 276 20.57 -21.50 16.19
CA ASP A 276 21.28 -22.19 17.26
C ASP A 276 21.92 -23.50 16.75
N ILE A 277 21.23 -24.20 15.82
CA ILE A 277 21.72 -25.42 15.19
C ILE A 277 22.82 -25.05 14.18
N LEU A 278 22.59 -23.99 13.36
CA LEU A 278 23.55 -23.48 12.37
C LEU A 278 24.84 -23.08 13.06
N VAL A 279 24.73 -22.50 14.27
CA VAL A 279 25.82 -22.07 15.14
C VAL A 279 26.58 -23.34 15.63
N GLY A 280 25.83 -24.37 16.05
CA GLY A 280 26.37 -25.66 16.48
C GLY A 280 27.05 -26.40 15.33
N GLN A 281 26.46 -26.31 14.12
CA GLN A 281 26.96 -26.92 12.88
C GLN A 281 28.25 -26.20 12.43
N ILE A 282 28.34 -24.86 12.67
CA ILE A 282 29.53 -24.05 12.38
C ILE A 282 30.63 -24.45 13.39
N ASP A 283 30.24 -24.66 14.67
CA ASP A 283 31.14 -25.08 15.76
C ASP A 283 31.78 -26.46 15.46
N ASP A 284 30.97 -27.41 14.95
CA ASP A 284 31.41 -28.77 14.58
C ASP A 284 32.28 -28.72 13.31
N ALA A 285 31.96 -27.78 12.39
CA ALA A 285 32.73 -27.59 11.14
C ALA A 285 34.09 -26.99 11.45
N LEU A 286 34.15 -25.99 12.37
CA LEU A 286 35.39 -25.34 12.80
C LEU A 286 36.29 -26.29 13.60
N LYS A 287 35.70 -27.34 14.22
CA LYS A 287 36.44 -28.38 14.95
C LYS A 287 37.31 -29.16 13.97
N LEU A 288 36.76 -29.43 12.76
CA LEU A 288 37.46 -30.10 11.65
C LEU A 288 38.47 -29.15 11.01
N ALA A 289 38.15 -27.85 10.98
CA ALA A 289 39.00 -26.79 10.41
C ALA A 289 40.21 -26.50 11.30
N ASN A 290 40.03 -26.48 12.64
CA ASN A 290 41.11 -26.22 13.61
C ASN A 290 42.08 -27.39 13.71
N GLU A 291 41.60 -28.63 13.47
CA GLU A 291 42.40 -29.86 13.47
C GLU A 291 43.40 -29.86 12.30
N GLY A 292 43.11 -29.05 11.28
CA GLY A 292 43.94 -28.91 10.09
C GLY A 292 43.30 -29.46 8.83
N LYS A 293 42.28 -30.33 9.00
CA LYS A 293 41.54 -30.98 7.91
C LYS A 293 40.79 -29.93 7.09
N VAL A 294 40.98 -29.96 5.75
CA VAL A 294 40.35 -29.02 4.82
C VAL A 294 39.15 -29.68 4.14
N LYS A 295 39.34 -30.90 3.61
CA LYS A 295 38.31 -31.69 2.92
C LYS A 295 37.16 -32.07 3.85
N GLU A 296 37.47 -32.38 5.12
CA GLU A 296 36.50 -32.75 6.16
C GLU A 296 35.69 -31.55 6.64
N ALA A 297 36.28 -30.34 6.58
CA ALA A 297 35.66 -29.08 7.00
C ALA A 297 34.85 -28.44 5.86
N GLN A 298 35.37 -28.47 4.60
CA GLN A 298 34.69 -27.91 3.42
C GLN A 298 33.37 -28.64 3.16
N ALA A 299 33.36 -29.97 3.38
CA ALA A 299 32.18 -30.83 3.24
C ALA A 299 31.17 -30.56 4.36
N ALA A 300 31.66 -30.20 5.58
CA ALA A 300 30.82 -29.89 6.75
C ALA A 300 30.05 -28.58 6.57
N ALA A 301 30.60 -27.65 5.75
CA ALA A 301 30.00 -26.35 5.44
C ALA A 301 28.87 -26.50 4.40
N GLU A 302 29.07 -27.33 3.36
CA GLU A 302 28.07 -27.61 2.31
C GLU A 302 26.97 -28.55 2.83
N GLN A 303 27.23 -29.22 3.98
CA GLN A 303 26.29 -30.11 4.65
C GLN A 303 25.23 -29.28 5.37
N LEU A 304 25.66 -28.24 6.13
CA LEU A 304 24.77 -27.34 6.84
C LEU A 304 24.09 -26.34 5.87
N LYS A 305 24.58 -26.24 4.61
CA LYS A 305 24.04 -25.40 3.54
C LYS A 305 22.60 -25.80 3.19
N THR A 306 22.35 -27.12 3.04
CA THR A 306 21.03 -27.66 2.73
C THR A 306 20.18 -27.76 3.99
N THR A 307 20.78 -28.26 5.09
CA THR A 307 20.12 -28.49 6.38
C THR A 307 19.78 -27.14 7.08
N ARG A 308 20.45 -26.01 6.71
CA ARG A 308 20.09 -24.68 7.22
C ARG A 308 18.88 -24.20 6.44
N ASN A 309 18.94 -24.33 5.10
CA ASN A 309 17.88 -24.02 4.14
C ASN A 309 16.86 -25.20 4.13
N ALA A 310 16.35 -25.49 5.34
CA ALA A 310 15.39 -26.53 5.70
C ALA A 310 14.62 -26.05 6.92
N TYR A 311 15.30 -25.27 7.81
CA TYR A 311 14.75 -24.64 9.01
C TYR A 311 14.64 -23.11 8.88
N ILE A 312 15.58 -22.47 8.13
CA ILE A 312 15.70 -21.01 8.01
C ILE A 312 14.96 -20.39 6.81
N GLN A 313 15.04 -20.97 5.59
CA GLN A 313 14.42 -20.43 4.36
C GLN A 313 12.90 -20.14 4.51
N LYS A 314 12.24 -20.79 5.49
CA LYS A 314 10.81 -20.59 5.79
C LYS A 314 10.60 -19.15 6.29
N TYR A 315 11.30 -18.76 7.39
CA TYR A 315 11.24 -17.44 8.01
C TYR A 315 11.90 -16.38 7.11
N LEU A 316 12.91 -16.78 6.32
CA LEU A 316 13.65 -15.93 5.40
C LEU A 316 12.77 -15.47 4.24
N LEU A 317 11.98 -16.40 3.65
CA LEU A 317 11.05 -16.10 2.56
C LEU A 317 9.97 -15.16 3.08
N MET A 318 9.48 -15.37 4.32
CA MET A 318 8.49 -14.51 5.01
C MET A 318 8.94 -13.05 4.99
N ALA A 319 10.24 -12.79 5.25
CA ALA A 319 10.85 -11.46 5.27
C ALA A 319 10.79 -10.77 3.90
N ALA A 320 10.98 -11.51 2.78
CA ALA A 320 10.91 -10.95 1.43
C ALA A 320 9.50 -10.45 1.16
N ARG A 321 8.49 -11.26 1.54
CA ARG A 321 7.07 -10.93 1.41
C ARG A 321 6.73 -9.68 2.26
N GLU A 322 7.29 -9.59 3.50
CA GLU A 322 7.09 -8.42 4.38
C GLU A 322 7.70 -7.17 3.73
N ARG A 323 9.01 -7.20 3.36
CA ARG A 323 9.76 -6.11 2.70
C ARG A 323 9.01 -5.61 1.45
N LYS A 324 8.49 -6.56 0.65
CA LYS A 324 7.73 -6.29 -0.57
C LYS A 324 6.45 -5.49 -0.26
N ALA A 325 5.59 -6.04 0.62
CA ALA A 325 4.32 -5.46 1.03
C ALA A 325 4.46 -4.09 1.69
N THR A 326 5.59 -3.83 2.37
CA THR A 326 5.76 -2.51 2.99
C THR A 326 6.24 -1.50 1.94
N LYS A 327 6.98 -1.95 0.90
CA LYS A 327 7.49 -1.07 -0.17
C LYS A 327 6.31 -0.53 -0.97
N THR A 328 5.34 -1.38 -1.36
CA THR A 328 4.17 -0.94 -2.12
C THR A 328 3.37 0.08 -1.28
N LEU A 329 3.13 -0.22 0.03
CA LEU A 329 2.40 0.66 0.97
C LEU A 329 3.09 2.03 1.09
N GLY A 330 4.42 2.01 1.16
CA GLY A 330 5.23 3.23 1.20
C GLY A 330 4.97 4.07 -0.03
N ILE A 331 4.97 3.43 -1.23
CA ILE A 331 4.72 4.08 -2.51
C ILE A 331 3.26 4.58 -2.57
N ILE A 332 2.29 3.76 -2.13
CA ILE A 332 0.85 4.12 -2.11
C ILE A 332 0.64 5.37 -1.25
N LEU A 333 1.23 5.38 -0.03
CA LEU A 333 1.14 6.49 0.93
C LEU A 333 1.81 7.75 0.39
N GLY A 334 2.96 7.59 -0.27
CA GLY A 334 3.65 8.72 -0.91
C GLY A 334 2.78 9.33 -1.98
N ALA A 335 2.15 8.46 -2.82
CA ALA A 335 1.24 8.85 -3.89
C ALA A 335 0.00 9.55 -3.34
N PHE A 336 -0.51 9.08 -2.19
CA PHE A 336 -1.67 9.64 -1.51
C PHE A 336 -1.40 11.08 -1.00
N ILE A 337 -0.21 11.32 -0.41
CA ILE A 337 0.15 12.63 0.13
C ILE A 337 0.31 13.63 -1.02
N VAL A 338 1.05 13.26 -2.08
CA VAL A 338 1.31 14.11 -3.25
C VAL A 338 -0.01 14.54 -3.94
N CYS A 339 -0.99 13.61 -4.05
CA CYS A 339 -2.25 13.81 -4.75
C CYS A 339 -3.31 14.58 -3.95
N TRP A 340 -3.51 14.21 -2.67
CA TRP A 340 -4.56 14.79 -1.81
C TRP A 340 -4.14 15.93 -0.86
N LEU A 341 -2.83 16.15 -0.58
CA LEU A 341 -2.43 17.24 0.32
C LEU A 341 -2.71 18.62 -0.30
N PRO A 342 -2.32 18.91 -1.56
CA PRO A 342 -2.58 20.26 -2.10
C PRO A 342 -4.06 20.63 -2.01
N PHE A 343 -4.95 19.75 -2.51
CA PHE A 343 -6.40 19.95 -2.50
C PHE A 343 -6.91 20.30 -1.09
N PHE A 344 -6.59 19.45 -0.09
CA PHE A 344 -7.07 19.69 1.27
C PHE A 344 -6.37 20.85 1.95
N ILE A 345 -5.15 21.24 1.50
CA ILE A 345 -4.50 22.43 2.06
C ILE A 345 -5.24 23.69 1.54
N ILE A 346 -5.62 23.69 0.24
CA ILE A 346 -6.33 24.77 -0.47
C ILE A 346 -7.77 24.96 0.06
N SER A 347 -8.53 23.85 0.26
CA SER A 347 -9.94 23.87 0.73
C SER A 347 -10.08 24.31 2.18
N LEU A 348 -8.97 24.38 2.94
CA LEU A 348 -8.87 24.86 4.32
C LEU A 348 -8.44 26.33 4.29
N VAL A 349 -7.62 26.71 3.30
CA VAL A 349 -7.12 28.07 3.04
C VAL A 349 -8.28 28.90 2.45
N MET A 350 -9.07 28.31 1.52
CA MET A 350 -10.25 28.85 0.84
C MET A 350 -11.13 29.66 1.83
N PRO A 351 -11.63 29.11 2.97
CA PRO A 351 -12.40 29.94 3.92
C PRO A 351 -11.68 31.21 4.44
N ILE A 352 -10.33 31.15 4.66
CA ILE A 352 -9.53 32.31 5.12
C ILE A 352 -9.46 33.34 3.99
N HIS A 360 -7.14 31.53 -7.60
CA HIS A 360 -7.71 31.26 -8.92
C HIS A 360 -8.42 29.88 -8.95
N LEU A 361 -9.50 29.81 -9.75
CA LEU A 361 -10.38 28.64 -9.91
C LEU A 361 -9.69 27.49 -10.64
N ALA A 362 -8.69 27.77 -11.51
CA ALA A 362 -7.92 26.76 -12.25
C ALA A 362 -7.08 25.89 -11.31
N ILE A 363 -6.51 26.53 -10.26
CA ILE A 363 -5.71 25.88 -9.22
C ILE A 363 -6.58 24.81 -8.55
N PHE A 364 -7.82 25.17 -8.17
CA PHE A 364 -8.81 24.28 -7.57
C PHE A 364 -9.22 23.15 -8.55
N ASP A 365 -9.46 23.50 -9.83
CA ASP A 365 -9.82 22.50 -10.84
C ASP A 365 -8.68 21.51 -11.08
N PHE A 366 -7.42 21.99 -11.01
CA PHE A 366 -6.25 21.15 -11.24
C PHE A 366 -6.04 20.22 -10.07
N PHE A 367 -6.20 20.70 -8.84
CA PHE A 367 -5.98 19.87 -7.67
C PHE A 367 -7.07 18.83 -7.45
N THR A 368 -8.35 19.07 -7.86
CA THR A 368 -9.42 18.06 -7.74
C THR A 368 -9.04 16.84 -8.59
N TRP A 369 -8.55 17.12 -9.83
CA TRP A 369 -8.09 16.15 -10.81
C TRP A 369 -6.79 15.50 -10.37
N LEU A 370 -5.98 16.22 -9.58
CA LEU A 370 -4.77 15.64 -8.97
C LEU A 370 -5.19 14.60 -7.92
N GLY A 371 -6.31 14.85 -7.23
CA GLY A 371 -6.91 13.91 -6.28
C GLY A 371 -7.58 12.75 -6.98
N TYR A 372 -8.27 13.05 -8.10
CA TYR A 372 -8.93 12.07 -8.95
C TYR A 372 -7.90 11.12 -9.54
N LEU A 373 -6.71 11.65 -9.90
CA LEU A 373 -5.59 10.89 -10.46
C LEU A 373 -5.09 9.78 -9.52
N ASN A 374 -5.22 9.98 -8.19
CA ASN A 374 -4.82 8.98 -7.19
C ASN A 374 -5.58 7.66 -7.38
N SER A 375 -6.83 7.73 -7.91
CA SER A 375 -7.68 6.57 -8.21
C SER A 375 -7.10 5.72 -9.35
N LEU A 376 -6.24 6.33 -10.20
CA LEU A 376 -5.55 5.69 -11.32
C LEU A 376 -4.16 5.25 -10.90
N ILE A 377 -3.50 6.03 -10.04
CA ILE A 377 -2.15 5.77 -9.55
C ILE A 377 -2.17 4.51 -8.66
N ASN A 378 -3.13 4.39 -7.73
CA ASN A 378 -3.27 3.24 -6.83
C ASN A 378 -3.27 1.88 -7.59
N PRO A 379 -4.15 1.61 -8.58
CA PRO A 379 -4.09 0.32 -9.29
C PRO A 379 -2.79 0.08 -10.05
N ILE A 380 -2.11 1.14 -10.58
CA ILE A 380 -0.88 0.88 -11.30
C ILE A 380 0.24 0.56 -10.28
N ILE A 381 0.23 1.18 -9.05
CA ILE A 381 1.22 0.86 -8.00
C ILE A 381 1.10 -0.62 -7.65
N TYR A 382 -0.14 -1.12 -7.44
CA TYR A 382 -0.38 -2.52 -7.09
C TYR A 382 -0.01 -3.47 -8.20
N THR A 383 -0.17 -3.04 -9.46
CA THR A 383 0.15 -3.93 -10.57
C THR A 383 1.66 -3.96 -10.84
N MET A 384 2.40 -2.92 -10.47
CA MET A 384 3.83 -2.93 -10.74
C MET A 384 4.65 -3.42 -9.56
N SER A 385 4.15 -3.22 -8.31
CA SER A 385 4.84 -3.59 -7.05
C SER A 385 4.41 -4.94 -6.47
N ASN A 386 3.11 -5.27 -6.52
CA ASN A 386 2.61 -6.56 -6.01
C ASN A 386 2.72 -7.58 -7.15
N GLU A 387 3.55 -8.61 -6.94
CA GLU A 387 3.86 -9.62 -7.96
C GLU A 387 2.70 -10.55 -8.31
N ASP A 388 1.66 -10.60 -7.47
CA ASP A 388 0.46 -11.37 -7.77
C ASP A 388 -0.31 -10.68 -8.91
N PHE A 389 -0.45 -9.33 -8.82
CA PHE A 389 -1.12 -8.50 -9.84
C PHE A 389 -0.22 -8.30 -11.05
N LYS A 390 1.11 -8.23 -10.85
CA LYS A 390 2.08 -8.09 -11.94
C LYS A 390 2.04 -9.31 -12.84
N GLN A 391 2.04 -10.53 -12.24
CA GLN A 391 1.93 -11.80 -12.96
C GLN A 391 0.56 -11.86 -13.69
N ALA A 392 -0.51 -11.44 -12.97
CA ALA A 392 -1.89 -11.37 -13.46
C ALA A 392 -1.99 -10.50 -14.73
N PHE A 393 -1.31 -9.33 -14.72
CA PHE A 393 -1.28 -8.40 -15.84
C PHE A 393 -0.58 -8.98 -17.06
N HIS A 394 0.57 -9.65 -16.84
CA HIS A 394 1.37 -10.32 -17.87
C HIS A 394 0.54 -11.40 -18.55
N LYS A 395 -0.41 -12.03 -17.80
CA LYS A 395 -1.32 -13.04 -18.31
C LYS A 395 -2.39 -12.41 -19.24
N LEU A 396 -3.03 -11.25 -18.88
CA LEU A 396 -4.04 -10.74 -19.80
C LEU A 396 -3.41 -10.16 -21.07
N ILE A 397 -2.25 -9.45 -20.99
CA ILE A 397 -1.60 -8.96 -22.23
C ILE A 397 -0.86 -10.12 -22.97
N ARG A 398 -0.73 -11.32 -22.33
CA ARG A 398 -0.05 -12.53 -22.82
C ARG A 398 1.43 -12.22 -23.09
N PHE A 399 2.15 -11.84 -22.01
CA PHE A 399 3.58 -11.52 -21.99
C PHE A 399 4.30 -12.49 -21.04
N LYS A 400 5.49 -13.00 -21.44
CA LYS A 400 6.26 -13.95 -20.61
C LYS A 400 7.68 -13.46 -20.31
C10 2GM B . -14.86 18.38 -3.14
C11 2GM B . -14.58 17.04 -2.48
C12 2GM B . -14.73 16.95 -0.96
C17 2GM B . -14.26 15.82 -0.36
C13 2GM B . -15.39 17.88 -0.11
C14 2GM B . -15.49 17.62 1.32
C15 2GM B . -14.95 16.44 1.84
C16 2GM B . -14.34 15.55 0.99
N1 2GM B . -13.72 14.30 1.18
C2 2GM B . -13.24 13.86 -0.03
C3 2GM B . -13.57 14.78 -1.01
C4 2GM B . -13.34 14.83 -2.48
C5 2GM B . -13.34 16.26 -3.01
N6 2GM B . -13.14 16.29 -4.55
C7 2GM B . -11.78 16.08 -5.01
C8 2GM B . -13.59 17.56 -5.21
C9 2GM B . -14.84 18.25 -4.66
C18 2GM B . -14.91 19.66 -5.24
O19 2GM B . -13.97 20.44 -5.08
N20 2GM B . -16.15 20.01 -5.97
C21 2GM B . -16.34 21.35 -6.59
C22 2GM B . -17.58 21.28 -7.45
O43 2GM B . -15.15 21.70 -7.48
C23 2GM B . -16.38 22.46 -5.59
O24 2GM B . -17.24 22.53 -4.70
N25 2GM B . -15.35 23.26 -5.83
C41 2GM B . -14.51 22.94 -6.92
O42 2GM B . -13.25 22.59 -6.47
C40 2GM B . -14.35 24.08 -7.95
C39 2GM B . -13.10 24.16 -8.91
C38 2GM B . -13.29 25.66 -9.47
C37 2GM B . -13.98 26.39 -8.35
N36 2GM B . -14.35 25.33 -7.41
C34 2GM B . -14.70 25.61 -6.03
O35 2GM B . -14.68 26.77 -5.61
C26 2GM B . -15.06 24.51 -5.05
C27 2GM B . -14.18 24.51 -3.80
C28 2GM B . -14.67 23.62 -2.66
C29 2GM B . -13.82 22.61 -2.16
C30 2GM B . -14.24 21.79 -1.12
C31 2GM B . -15.52 21.99 -0.54
C32 2GM B . -16.36 23.01 -1.00
C33 2GM B . -15.94 23.83 -2.06
#